data_6I30
#
_entry.id   6I30
#
_cell.length_a   45.040
_cell.length_b   75.340
_cell.length_c   100.620
_cell.angle_alpha   90.000
_cell.angle_beta   90.000
_cell.angle_gamma   90.000
#
_symmetry.space_group_name_H-M   'P 21 21 21'
#
loop_
_entity.id
_entity.type
_entity.pdbx_description
1 polymer 'Class C beta-lactamase PDC-301'
2 non-polymer '(3R)-3-(cyclohexylcarbonylamino)-2-oxidanyl-3,4-dihydro-1,2-benzoxaborinine-8-carboxylic acid'
3 water water
#
_entity_poly.entity_id   1
_entity_poly.type   'polypeptide(L)'
_entity_poly.pdbx_seq_one_letter_code
;PADRLKALVDAAVQPVMKANDIPGLAVAISLKGEPHYFSYGLASKEDGRRVTPETLFEIGSVSKTFTATLAGYALTQDKM
RLDDRASQHWPALQGSRFDGISLLDLATYTAGGLPLQFPDSVQKDQAQIRDYYRQWQPTYAPGSQRLYSNPSIGLFGYLA
ARSLGQPFERLMEQQVFPALGLEQTHLDVPEAALAQYAQGYGKDDRPLRVGPGPLDAEGYGVKTSAADLLRFVDANLHPE
RLDRPWAQALDATHRGYYKVGDMTQGLGWEAYDWPISLKRLQAGNSTPMALQPHRIARLPAPQALEGQRLLNKTGSTNGF
GAYVAFVPGRDLGLVILANRNYPNAERVKIAYAILSGL
;
_entity_poly.pdbx_strand_id   A
#
# COMPACT_ATOMS: atom_id res chain seq x y z
N PRO A 1 23.15 -17.20 -14.91
CA PRO A 1 21.96 -16.35 -14.99
C PRO A 1 21.61 -15.72 -13.64
N ALA A 2 21.39 -16.56 -12.64
CA ALA A 2 21.10 -16.05 -11.29
C ALA A 2 22.23 -15.16 -10.79
N ASP A 3 23.46 -15.41 -11.24
CA ASP A 3 24.59 -14.56 -10.87
C ASP A 3 24.59 -13.24 -11.64
N ARG A 4 24.06 -13.25 -12.87
CA ARG A 4 23.97 -12.00 -13.63
C ARG A 4 22.88 -11.10 -13.08
N LEU A 5 21.74 -11.68 -12.68
CA LEU A 5 20.69 -10.89 -12.05
C LEU A 5 21.15 -10.35 -10.70
N LYS A 6 21.91 -11.14 -9.94
CA LYS A 6 22.44 -10.65 -8.68
C LYS A 6 23.35 -9.46 -8.91
N ALA A 7 24.13 -9.47 -10.00
CA ALA A 7 24.99 -8.35 -10.33
C ALA A 7 24.19 -7.14 -10.76
N LEU A 8 23.05 -7.35 -11.43
CA LEU A 8 22.17 -6.23 -11.78
C LEU A 8 21.58 -5.58 -10.54
N VAL A 9 20.89 -6.37 -9.70
CA VAL A 9 20.27 -5.83 -8.49
C VAL A 9 21.33 -5.18 -7.62
N ASP A 10 22.49 -5.82 -7.48
CA ASP A 10 23.56 -5.24 -6.67
C ASP A 10 24.04 -3.91 -7.23
N ALA A 11 24.05 -3.79 -8.57
CA ALA A 11 24.42 -2.53 -9.19
C ALA A 11 23.30 -1.50 -9.04
N ALA A 12 22.07 -1.96 -8.89
CA ALA A 12 20.95 -1.04 -8.71
C ALA A 12 20.78 -0.62 -7.25
N VAL A 13 20.95 -1.53 -6.32
CA VAL A 13 20.64 -1.23 -4.91
C VAL A 13 21.83 -0.59 -4.21
N GLN A 14 23.03 -1.14 -4.41
CA GLN A 14 24.17 -0.78 -3.56
C GLN A 14 24.48 0.72 -3.57
N PRO A 15 24.56 1.39 -4.72
CA PRO A 15 24.86 2.83 -4.69
C PRO A 15 23.79 3.65 -3.98
N VAL A 16 22.52 3.30 -4.14
CA VAL A 16 21.45 4.04 -3.49
C VAL A 16 21.49 3.83 -1.98
N MET A 17 21.83 2.62 -1.54
CA MET A 17 21.94 2.35 -0.10
C MET A 17 22.98 3.26 0.54
N LYS A 18 24.21 3.24 0.01
CA LYS A 18 25.26 4.09 0.56
C LYS A 18 24.88 5.55 0.45
N ALA A 19 24.23 5.93 -0.67
CA ALA A 19 23.88 7.33 -0.89
C ALA A 19 22.82 7.83 0.08
N ASN A 20 22.01 6.94 0.64
CA ASN A 20 20.97 7.29 1.60
C ASN A 20 21.21 6.73 2.99
N ASP A 21 22.36 6.09 3.22
CA ASP A 21 22.72 5.54 4.52
C ASP A 21 21.60 4.62 5.03
N ILE A 22 21.26 3.63 4.21
CA ILE A 22 20.21 2.67 4.51
C ILE A 22 20.87 1.48 5.22
N PRO A 23 20.58 1.24 6.51
CA PRO A 23 21.26 0.12 7.21
C PRO A 23 20.98 -1.24 6.58
N GLY A 24 19.73 -1.51 6.23
CA GLY A 24 19.36 -2.81 5.71
C GLY A 24 18.27 -2.69 4.67
N LEU A 25 18.33 -3.58 3.68
CA LEU A 25 17.41 -3.54 2.56
C LEU A 25 17.23 -4.95 2.03
N ALA A 26 16.01 -5.26 1.60
CA ALA A 26 15.68 -6.54 1.00
C ALA A 26 14.96 -6.33 -0.32
N VAL A 27 15.42 -7.04 -1.35
CA VAL A 27 14.80 -7.02 -2.67
C VAL A 27 14.26 -8.41 -2.96
N ALA A 28 13.03 -8.48 -3.44
CA ALA A 28 12.42 -9.71 -3.91
C ALA A 28 11.86 -9.46 -5.30
N ILE A 29 12.22 -10.32 -6.25
CA ILE A 29 11.87 -10.14 -7.65
C ILE A 29 11.22 -11.42 -8.16
N SER A 30 10.11 -11.26 -8.88
CA SER A 30 9.40 -12.36 -9.52
C SER A 30 9.45 -12.14 -11.03
N LEU A 31 9.98 -13.13 -11.75
CA LEU A 31 10.10 -13.05 -13.20
C LEU A 31 9.78 -14.41 -13.80
N LYS A 32 8.73 -14.48 -14.62
CA LYS A 32 8.28 -15.73 -15.22
C LYS A 32 7.84 -16.74 -14.15
N GLY A 33 7.31 -16.22 -13.04
CA GLY A 33 6.88 -17.09 -11.97
C GLY A 33 8.00 -17.70 -11.16
N GLU A 34 9.22 -17.17 -11.26
CA GLU A 34 10.35 -17.70 -10.52
C GLU A 34 10.76 -16.70 -9.45
N PRO A 35 10.88 -17.09 -8.19
CA PRO A 35 11.27 -16.13 -7.15
C PRO A 35 12.77 -15.90 -7.08
N HIS A 36 13.13 -14.69 -6.67
CA HIS A 36 14.51 -14.33 -6.45
C HIS A 36 14.57 -13.31 -5.32
N TYR A 37 15.45 -13.53 -4.36
CA TYR A 37 15.61 -12.64 -3.23
C TYR A 37 17.04 -12.16 -3.13
N PHE A 38 17.21 -10.93 -2.65
CA PHE A 38 18.51 -10.31 -2.48
C PHE A 38 18.50 -9.50 -1.19
N SER A 39 19.38 -9.84 -0.25
CA SER A 39 19.42 -9.21 1.05
C SER A 39 20.68 -8.38 1.19
N TYR A 40 20.55 -7.21 1.80
CA TYR A 40 21.67 -6.30 1.96
C TYR A 40 21.61 -5.68 3.35
N GLY A 41 22.75 -5.64 4.02
CA GLY A 41 22.89 -4.83 5.21
C GLY A 41 22.39 -5.51 6.47
N LEU A 42 22.03 -4.67 7.44
CA LEU A 42 21.67 -5.10 8.78
C LEU A 42 20.24 -4.71 9.09
N ALA A 43 19.48 -5.65 9.67
CA ALA A 43 18.19 -5.32 10.24
C ALA A 43 18.35 -4.56 11.56
N SER A 44 19.43 -4.83 12.29
CA SER A 44 19.73 -4.11 13.53
C SER A 44 21.21 -3.75 13.54
N LYS A 45 21.51 -2.45 13.56
CA LYS A 45 22.89 -2.00 13.68
C LYS A 45 23.45 -2.27 15.06
N GLU A 46 22.59 -2.47 16.07
CA GLU A 46 23.04 -2.68 17.44
C GLU A 46 23.45 -4.13 17.68
N ASP A 47 22.52 -5.07 17.47
CA ASP A 47 22.79 -6.48 17.69
C ASP A 47 23.30 -7.18 16.45
N GLY A 48 23.62 -6.44 15.39
CA GLY A 48 24.26 -7.01 14.23
C GLY A 48 23.43 -7.98 13.42
N ARG A 49 22.12 -8.07 13.68
CA ARG A 49 21.27 -8.94 12.89
C ARG A 49 21.33 -8.51 11.42
N ARG A 50 21.46 -9.49 10.53
CA ARG A 50 21.55 -9.24 9.10
C ARG A 50 20.18 -9.39 8.46
N VAL A 51 19.97 -8.64 7.37
CA VAL A 51 18.72 -8.71 6.63
C VAL A 51 18.64 -10.04 5.89
N THR A 52 17.45 -10.61 5.85
CA THR A 52 17.18 -11.84 5.11
C THR A 52 15.82 -11.70 4.43
N PRO A 53 15.50 -12.57 3.47
CA PRO A 53 14.16 -12.51 2.83
C PRO A 53 13.02 -12.77 3.80
N GLU A 54 13.31 -13.20 5.03
CA GLU A 54 12.28 -13.40 6.05
C GLU A 54 12.22 -12.26 7.05
N THR A 55 13.05 -11.22 6.87
CA THR A 55 13.05 -10.10 7.79
C THR A 55 11.76 -9.30 7.65
N LEU A 56 11.12 -9.00 8.77
CA LEU A 56 9.86 -8.27 8.76
C LEU A 56 10.14 -6.77 8.68
N PHE A 57 9.60 -6.13 7.65
CA PHE A 57 9.65 -4.69 7.50
C PHE A 57 8.26 -4.08 7.66
N GLU A 58 8.20 -2.86 8.19
CA GLU A 58 6.98 -2.09 8.13
C GLU A 58 6.80 -1.59 6.70
N ILE A 59 5.71 -1.98 6.05
CA ILE A 59 5.49 -1.57 4.66
C ILE A 59 4.67 -0.29 4.56
N GLY A 60 4.21 0.25 5.68
CA GLY A 60 3.45 1.50 5.66
C GLY A 60 2.25 1.50 4.74
N SER A 61 2.12 2.55 3.92
CA SER A 61 0.91 2.74 3.14
C SER A 61 0.75 1.72 2.02
N VAL A 62 1.72 0.84 1.84
CA VAL A 62 1.50 -0.32 0.97
C VAL A 62 0.36 -1.16 1.56
N SER A 63 0.18 -1.05 2.88
CA SER A 63 -0.97 -1.69 3.54
C SER A 63 -2.28 -1.35 2.85
N LYS A 64 -2.37 -0.16 2.24
CA LYS A 64 -3.60 0.26 1.56
C LYS A 64 -4.00 -0.71 0.45
N THR A 65 -3.03 -1.44 -0.12
CA THR A 65 -3.39 -2.43 -1.15
C THR A 65 -4.01 -3.67 -0.52
N PHE A 66 -3.56 -4.03 0.68
CA PHE A 66 -4.22 -5.10 1.43
C PHE A 66 -5.62 -4.68 1.86
N THR A 67 -5.74 -3.47 2.42
CA THR A 67 -7.04 -2.94 2.78
C THR A 67 -7.98 -2.96 1.58
N ALA A 68 -7.46 -2.64 0.40
CA ALA A 68 -8.27 -2.67 -0.82
C ALA A 68 -8.71 -4.08 -1.17
N THR A 69 -7.80 -5.05 -1.02
CA THR A 69 -8.17 -6.45 -1.24
C THR A 69 -9.29 -6.88 -0.30
N LEU A 70 -9.25 -6.40 0.95
CA LEU A 70 -10.37 -6.66 1.86
C LEU A 70 -11.65 -6.04 1.30
N ALA A 71 -11.59 -4.77 0.92
CA ALA A 71 -12.76 -4.13 0.31
C ALA A 71 -13.16 -4.83 -0.97
N GLY A 72 -12.19 -5.29 -1.75
CA GLY A 72 -12.51 -6.06 -2.95
C GLY A 72 -13.32 -7.30 -2.64
N TYR A 73 -13.01 -7.97 -1.52
CA TYR A 73 -13.76 -9.15 -1.12
C TYR A 73 -15.20 -8.80 -0.78
N ALA A 74 -15.40 -7.72 -0.02
CA ALA A 74 -16.76 -7.30 0.31
C ALA A 74 -17.56 -6.99 -0.95
N LEU A 75 -16.93 -6.33 -1.92
CA LEU A 75 -17.63 -6.00 -3.16
C LEU A 75 -18.02 -7.27 -3.93
N THR A 76 -17.12 -8.26 -3.98
CA THR A 76 -17.41 -9.47 -4.74
C THR A 76 -18.47 -10.33 -4.06
N GLN A 77 -18.52 -10.32 -2.72
CA GLN A 77 -19.57 -11.01 -1.99
C GLN A 77 -20.86 -10.20 -1.92
N ASP A 78 -20.90 -9.04 -2.58
CA ASP A 78 -22.10 -8.21 -2.66
C ASP A 78 -22.55 -7.71 -1.30
N LYS A 79 -21.60 -7.46 -0.40
CA LYS A 79 -21.90 -6.84 0.88
C LYS A 79 -21.82 -5.32 0.83
N MET A 80 -21.32 -4.76 -0.27
CA MET A 80 -21.27 -3.32 -0.46
C MET A 80 -21.04 -3.05 -1.94
N ARG A 81 -21.21 -1.78 -2.33
CA ARG A 81 -20.99 -1.36 -3.71
C ARG A 81 -20.34 0.03 -3.69
N LEU A 82 -19.43 0.25 -4.62
CA LEU A 82 -18.57 1.43 -4.56
C LEU A 82 -19.35 2.73 -4.60
N ASP A 83 -20.57 2.72 -5.14
CA ASP A 83 -21.39 3.92 -5.16
C ASP A 83 -22.28 4.04 -3.93
N ASP A 84 -22.15 3.13 -2.97
CA ASP A 84 -22.90 3.26 -1.73
C ASP A 84 -22.47 4.51 -0.97
N ARG A 85 -23.44 5.21 -0.41
CA ARG A 85 -23.13 6.32 0.49
C ARG A 85 -22.43 5.78 1.74
N ALA A 86 -21.49 6.57 2.27
CA ALA A 86 -20.66 6.09 3.37
C ALA A 86 -21.49 5.78 4.61
N SER A 87 -22.36 6.72 5.00
CA SER A 87 -23.13 6.55 6.22
C SER A 87 -24.09 5.37 6.17
N GLN A 88 -24.27 4.73 5.01
N GLN A 88 -24.26 4.72 5.01
CA GLN A 88 -25.10 3.53 4.96
CA GLN A 88 -25.08 3.52 4.94
C GLN A 88 -24.49 2.38 5.75
C GLN A 88 -24.50 2.40 5.77
N HIS A 89 -23.17 2.31 5.82
CA HIS A 89 -22.47 1.24 6.51
C HIS A 89 -21.95 1.65 7.88
N TRP A 90 -22.38 2.80 8.39
CA TRP A 90 -22.08 3.19 9.77
C TRP A 90 -23.17 4.13 10.24
N PRO A 91 -24.23 3.59 10.85
CA PRO A 91 -25.35 4.46 11.24
C PRO A 91 -24.93 5.67 12.05
N ALA A 92 -23.84 5.59 12.81
CA ALA A 92 -23.40 6.73 13.60
C ALA A 92 -23.09 7.93 12.73
N LEU A 93 -22.71 7.70 11.46
CA LEU A 93 -22.39 8.80 10.56
C LEU A 93 -23.61 9.42 9.92
N GLN A 94 -24.78 8.79 10.01
CA GLN A 94 -25.98 9.38 9.42
C GLN A 94 -26.23 10.75 10.03
N GLY A 95 -26.71 11.68 9.19
CA GLY A 95 -26.85 13.07 9.58
C GLY A 95 -25.61 13.90 9.38
N SER A 96 -24.47 13.29 9.04
CA SER A 96 -23.25 14.03 8.76
C SER A 96 -23.05 14.11 7.25
N ARG A 97 -22.01 14.84 6.85
CA ARG A 97 -21.74 15.01 5.42
C ARG A 97 -21.51 13.69 4.72
N PHE A 98 -21.25 12.62 5.47
CA PHE A 98 -20.98 11.34 4.82
C PHE A 98 -22.24 10.67 4.30
N ASP A 99 -23.40 11.33 4.40
CA ASP A 99 -24.59 10.86 3.71
C ASP A 99 -24.48 11.06 2.20
N GLY A 100 -23.59 11.96 1.74
CA GLY A 100 -23.43 12.24 0.33
C GLY A 100 -22.02 12.03 -0.18
N ILE A 101 -21.31 11.09 0.42
CA ILE A 101 -19.96 10.71 0.02
C ILE A 101 -19.95 9.22 -0.26
N SER A 102 -19.53 8.83 -1.46
CA SER A 102 -19.51 7.43 -1.82
C SER A 102 -18.27 6.75 -1.26
N LEU A 103 -18.33 5.42 -1.20
CA LEU A 103 -17.17 4.65 -0.78
C LEU A 103 -16.00 4.85 -1.75
N LEU A 104 -16.30 4.95 -3.04
CA LEU A 104 -15.26 5.22 -4.02
C LEU A 104 -14.50 6.50 -3.68
N ASP A 105 -15.23 7.58 -3.42
CA ASP A 105 -14.58 8.82 -3.01
C ASP A 105 -13.62 8.57 -1.86
N LEU A 106 -14.02 7.74 -0.90
CA LEU A 106 -13.16 7.43 0.23
C LEU A 106 -11.97 6.58 -0.21
N ALA A 107 -12.23 5.54 -1.01
CA ALA A 107 -11.15 4.68 -1.45
C ALA A 107 -10.10 5.44 -2.24
N THR A 108 -10.51 6.46 -3.00
CA THR A 108 -9.63 7.14 -3.93
C THR A 108 -9.32 8.58 -3.51
N TYR A 109 -9.56 8.92 -2.25
CA TYR A 109 -9.08 10.18 -1.68
C TYR A 109 -9.76 11.41 -2.28
N THR A 110 -10.98 11.26 -2.81
CA THR A 110 -11.70 12.36 -3.44
C THR A 110 -13.02 12.66 -2.72
N ALA A 111 -13.01 12.59 -1.39
CA ALA A 111 -14.21 12.85 -0.61
C ALA A 111 -14.49 14.34 -0.47
N GLY A 112 -13.48 15.19 -0.57
CA GLY A 112 -13.67 16.62 -0.42
C GLY A 112 -12.65 17.27 0.50
N GLY A 113 -11.48 16.66 0.63
CA GLY A 113 -10.39 17.28 1.36
C GLY A 113 -10.09 16.68 2.73
N LEU A 114 -10.40 15.40 2.91
CA LEU A 114 -9.95 14.73 4.12
C LEU A 114 -8.43 14.81 4.23
N PRO A 115 -7.88 15.18 5.39
CA PRO A 115 -6.43 15.46 5.44
C PRO A 115 -5.58 14.21 5.39
N LEU A 116 -4.25 14.38 5.37
CA LEU A 116 -3.35 13.24 5.31
C LEU A 116 -3.49 12.35 6.54
N GLN A 117 -3.44 12.95 7.72
CA GLN A 117 -3.50 12.23 8.97
C GLN A 117 -4.68 12.69 9.82
N PHE A 118 -5.10 11.84 10.75
CA PHE A 118 -6.02 12.26 11.78
C PHE A 118 -5.37 13.37 12.61
N PRO A 119 -6.15 14.30 13.16
CA PRO A 119 -5.59 15.25 14.13
C PRO A 119 -4.95 14.51 15.30
N ASP A 120 -3.91 15.12 15.86
CA ASP A 120 -3.21 14.51 16.98
C ASP A 120 -4.12 14.31 18.19
N SER A 121 -5.20 15.10 18.30
CA SER A 121 -6.12 14.92 19.42
C SER A 121 -7.02 13.70 19.24
N VAL A 122 -7.11 13.17 18.03
CA VAL A 122 -7.92 11.97 17.77
C VAL A 122 -7.08 10.74 18.11
N GLN A 123 -7.52 9.99 19.11
CA GLN A 123 -6.81 8.80 19.57
C GLN A 123 -7.42 7.55 18.95
N LYS A 124 -6.73 6.43 19.14
CA LYS A 124 -7.20 5.14 18.64
C LYS A 124 -8.40 4.68 19.47
N ASP A 125 -9.54 5.34 19.27
CA ASP A 125 -10.78 5.03 19.97
C ASP A 125 -11.94 5.26 19.02
N GLN A 126 -12.89 4.33 19.00
CA GLN A 126 -13.96 4.41 18.01
C GLN A 126 -14.79 5.68 18.18
N ALA A 127 -15.08 6.07 19.42
CA ALA A 127 -15.91 7.26 19.65
C ALA A 127 -15.23 8.54 19.17
N GLN A 128 -13.93 8.67 19.41
CA GLN A 128 -13.20 9.83 18.91
C GLN A 128 -13.10 9.80 17.40
N ILE A 129 -12.90 8.63 16.81
CA ILE A 129 -12.92 8.49 15.36
C ILE A 129 -14.31 8.84 14.84
N ARG A 130 -15.35 8.34 15.51
CA ARG A 130 -16.71 8.67 15.12
C ARG A 130 -16.93 10.18 15.16
N ASP A 131 -16.60 10.82 16.29
CA ASP A 131 -16.83 12.24 16.46
C ASP A 131 -16.12 13.05 15.38
N TYR A 132 -14.87 12.68 15.05
CA TYR A 132 -14.13 13.40 14.03
C TYR A 132 -14.90 13.45 12.72
N TYR A 133 -15.26 12.29 12.18
CA TYR A 133 -16.01 12.26 10.93
C TYR A 133 -17.33 13.00 11.07
N ARG A 134 -17.95 12.94 12.25
CA ARG A 134 -19.28 13.53 12.42
C ARG A 134 -19.24 15.05 12.27
N GLN A 135 -18.11 15.67 12.63
CA GLN A 135 -17.99 17.12 12.57
C GLN A 135 -17.18 17.61 11.38
N TRP A 136 -16.70 16.71 10.53
CA TRP A 136 -15.87 17.10 9.39
C TRP A 136 -16.68 17.80 8.32
N GLN A 137 -16.15 18.92 7.84
CA GLN A 137 -16.78 19.71 6.80
C GLN A 137 -15.88 19.71 5.56
N PRO A 138 -16.42 19.48 4.37
CA PRO A 138 -15.54 19.35 3.18
C PRO A 138 -14.90 20.67 2.80
N THR A 139 -13.68 20.58 2.26
CA THR A 139 -13.05 21.71 1.60
C THR A 139 -13.49 21.82 0.16
N TYR A 140 -13.82 20.70 -0.47
CA TYR A 140 -14.18 20.65 -1.88
C TYR A 140 -15.45 19.84 -2.06
N ALA A 141 -15.96 19.82 -3.29
CA ALA A 141 -17.06 18.93 -3.63
C ALA A 141 -16.52 17.52 -3.86
N PRO A 142 -17.30 16.49 -3.53
CA PRO A 142 -16.81 15.12 -3.66
C PRO A 142 -16.48 14.77 -5.10
N GLY A 143 -15.45 13.94 -5.27
CA GLY A 143 -15.10 13.45 -6.59
C GLY A 143 -14.50 14.48 -7.52
N SER A 144 -14.01 15.59 -7.00
CA SER A 144 -13.35 16.60 -7.82
C SER A 144 -11.87 16.78 -7.52
N GLN A 145 -11.45 16.54 -6.28
CA GLN A 145 -10.07 16.78 -5.87
C GLN A 145 -9.53 15.56 -5.15
N ARG A 146 -8.33 15.14 -5.51
CA ARG A 146 -7.62 14.06 -4.84
C ARG A 146 -6.68 14.65 -3.81
N LEU A 147 -6.83 14.23 -2.56
CA LEU A 147 -5.92 14.60 -1.47
C LEU A 147 -5.60 13.33 -0.71
N TYR A 148 -4.39 12.80 -0.93
CA TYR A 148 -3.93 11.60 -0.24
C TYR A 148 -4.26 11.68 1.24
N SER A 149 -4.95 10.66 1.75
CA SER A 149 -5.53 10.76 3.09
C SER A 149 -5.69 9.39 3.74
N ASN A 150 -5.11 9.25 4.95
CA ASN A 150 -5.35 8.06 5.76
C ASN A 150 -6.79 8.00 6.27
N PRO A 151 -7.36 9.08 6.83
CA PRO A 151 -8.77 9.02 7.20
C PRO A 151 -9.68 8.62 6.07
N SER A 152 -9.36 9.04 4.83
CA SER A 152 -10.20 8.74 3.68
C SER A 152 -10.26 7.24 3.44
N ILE A 153 -9.14 6.63 3.02
CA ILE A 153 -9.16 5.22 2.72
C ILE A 153 -9.19 4.36 3.99
N GLY A 154 -8.79 4.92 5.13
CA GLY A 154 -8.97 4.20 6.39
C GLY A 154 -10.43 3.98 6.69
N LEU A 155 -11.24 5.03 6.56
CA LEU A 155 -12.69 4.86 6.69
C LEU A 155 -13.19 3.85 5.66
N PHE A 156 -12.68 3.92 4.43
CA PHE A 156 -13.08 2.96 3.40
C PHE A 156 -12.85 1.53 3.90
N GLY A 157 -11.68 1.24 4.47
CA GLY A 157 -11.43 -0.10 4.96
C GLY A 157 -12.32 -0.43 6.16
N TYR A 158 -12.49 0.53 7.07
CA TYR A 158 -13.30 0.30 8.25
C TYR A 158 -14.74 -0.04 7.88
N LEU A 159 -15.29 0.64 6.87
CA LEU A 159 -16.67 0.36 6.44
C LEU A 159 -16.76 -0.98 5.71
N ALA A 160 -15.70 -1.37 5.00
CA ALA A 160 -15.66 -2.69 4.38
C ALA A 160 -15.78 -3.79 5.42
N ALA A 161 -15.05 -3.66 6.53
CA ALA A 161 -15.15 -4.64 7.60
C ALA A 161 -16.56 -4.67 8.17
N ARG A 162 -17.14 -3.50 8.40
CA ARG A 162 -18.51 -3.45 8.94
C ARG A 162 -19.48 -4.19 8.02
N SER A 163 -19.40 -3.93 6.71
CA SER A 163 -20.30 -4.62 5.79
C SER A 163 -20.14 -6.13 5.89
N LEU A 164 -18.97 -6.60 6.33
CA LEU A 164 -18.72 -8.02 6.48
C LEU A 164 -19.04 -8.54 7.88
N GLY A 165 -19.28 -7.65 8.85
CA GLY A 165 -19.77 -8.05 10.14
C GLY A 165 -18.72 -8.40 11.17
N GLN A 166 -17.47 -8.02 10.94
CA GLN A 166 -16.39 -8.33 11.88
C GLN A 166 -15.39 -7.19 11.84
N PRO A 167 -14.56 -7.04 12.88
CA PRO A 167 -13.56 -5.97 12.89
C PRO A 167 -12.55 -6.13 11.77
N PHE A 168 -11.93 -5.00 11.40
CA PHE A 168 -10.97 -5.00 10.30
C PHE A 168 -9.75 -5.84 10.63
N GLU A 169 -9.18 -5.66 11.82
CA GLU A 169 -7.97 -6.41 12.20
C GLU A 169 -8.21 -7.92 12.17
N ARG A 170 -9.34 -8.37 12.73
CA ARG A 170 -9.60 -9.81 12.79
C ARG A 170 -9.77 -10.39 11.39
N LEU A 171 -10.50 -9.70 10.53
CA LEU A 171 -10.69 -10.17 9.17
C LEU A 171 -9.36 -10.35 8.44
N MET A 172 -8.42 -9.43 8.66
CA MET A 172 -7.12 -9.55 8.01
C MET A 172 -6.36 -10.77 8.52
N GLU A 173 -6.28 -10.93 9.84
CA GLU A 173 -5.49 -12.02 10.41
C GLU A 173 -6.06 -13.38 10.04
N GLN A 174 -7.39 -13.53 10.12
CA GLN A 174 -8.00 -14.85 10.07
C GLN A 174 -8.60 -15.22 8.72
N GLN A 175 -8.64 -14.30 7.76
CA GLN A 175 -9.20 -14.61 6.46
C GLN A 175 -8.29 -14.16 5.32
N VAL A 176 -7.93 -12.87 5.30
CA VAL A 176 -7.16 -12.34 4.17
C VAL A 176 -5.78 -12.99 4.10
N PHE A 177 -4.95 -12.77 5.12
CA PHE A 177 -3.60 -13.30 5.10
C PHE A 177 -3.57 -14.82 4.93
N PRO A 178 -4.42 -15.60 5.61
CA PRO A 178 -4.47 -17.05 5.31
C PRO A 178 -4.93 -17.37 3.90
N ALA A 179 -5.88 -16.60 3.37
CA ALA A 179 -6.37 -16.83 2.01
C ALA A 179 -5.31 -16.49 0.97
N LEU A 180 -4.41 -15.56 1.28
CA LEU A 180 -3.33 -15.20 0.38
C LEU A 180 -2.07 -16.02 0.59
N GLY A 181 -2.08 -16.96 1.54
CA GLY A 181 -0.92 -17.78 1.79
C GLY A 181 0.21 -17.05 2.48
N LEU A 182 -0.11 -16.06 3.31
CA LEU A 182 0.88 -15.22 3.96
C LEU A 182 0.95 -15.59 5.45
N GLU A 183 2.03 -16.28 5.82
CA GLU A 183 2.29 -16.65 7.20
C GLU A 183 3.31 -15.76 7.89
N GLN A 184 4.01 -14.94 7.13
CA GLN A 184 4.97 -13.97 7.66
C GLN A 184 4.45 -12.54 7.51
N THR A 185 3.14 -12.37 7.54
CA THR A 185 2.49 -11.07 7.43
C THR A 185 1.60 -10.84 8.64
N HIS A 186 1.78 -9.70 9.32
CA HIS A 186 1.09 -9.44 10.57
C HIS A 186 0.65 -7.98 10.65
N LEU A 187 -0.46 -7.78 11.36
CA LEU A 187 -0.80 -6.45 11.87
C LEU A 187 -0.24 -6.26 13.28
N ASP A 188 -0.24 -7.32 14.07
CA ASP A 188 0.30 -7.32 15.42
C ASP A 188 1.32 -8.44 15.47
N VAL A 189 2.60 -8.07 15.51
CA VAL A 189 3.69 -9.05 15.39
C VAL A 189 3.68 -9.96 16.61
N PRO A 190 3.49 -11.28 16.44
CA PRO A 190 3.54 -12.17 17.61
C PRO A 190 4.86 -12.06 18.35
N GLU A 191 4.81 -12.34 19.65
CA GLU A 191 6.02 -12.27 20.47
C GLU A 191 7.08 -13.24 19.97
N ALA A 192 6.66 -14.36 19.37
CA ALA A 192 7.60 -15.36 18.87
C ALA A 192 8.28 -14.91 17.58
N ALA A 193 7.76 -13.89 16.90
CA ALA A 193 8.31 -13.42 15.65
C ALA A 193 9.12 -12.13 15.79
N LEU A 194 9.07 -11.49 16.96
CA LEU A 194 9.70 -10.18 17.12
C LEU A 194 11.18 -10.23 16.77
N ALA A 195 11.82 -11.38 16.93
CA ALA A 195 13.25 -11.51 16.60
C ALA A 195 13.51 -11.22 15.13
N GLN A 196 12.52 -11.43 14.27
CA GLN A 196 12.62 -11.12 12.85
C GLN A 196 12.19 -9.70 12.54
N TYR A 197 11.71 -8.95 13.52
CA TYR A 197 11.23 -7.60 13.31
C TYR A 197 12.42 -6.66 13.22
N ALA A 198 12.70 -6.17 12.02
CA ALA A 198 13.83 -5.27 11.81
C ALA A 198 13.66 -3.99 12.63
N GLN A 199 14.78 -3.36 12.93
CA GLN A 199 14.78 -2.05 13.57
C GLN A 199 14.77 -0.97 12.50
N GLY A 200 14.03 0.10 12.76
CA GLY A 200 13.94 1.23 11.86
C GLY A 200 14.78 2.39 12.36
N TYR A 201 15.27 3.19 11.41
CA TYR A 201 16.19 4.28 11.72
C TYR A 201 15.80 5.52 10.94
N GLY A 202 15.93 6.69 11.59
CA GLY A 202 15.65 7.96 10.97
C GLY A 202 16.70 9.00 11.29
N LYS A 203 16.27 10.24 11.52
CA LYS A 203 17.20 11.32 11.81
C LYS A 203 18.04 10.98 13.04
N ASP A 204 19.37 11.08 12.87
CA ASP A 204 20.32 10.77 13.93
C ASP A 204 20.33 9.28 14.27
N ASP A 205 19.75 8.44 13.41
CA ASP A 205 19.70 7.00 13.62
C ASP A 205 18.97 6.63 14.90
N ARG A 206 18.05 7.49 15.35
CA ARG A 206 17.22 7.13 16.49
C ARG A 206 16.27 6.00 16.08
N PRO A 207 16.11 4.98 16.92
CA PRO A 207 15.31 3.82 16.52
C PRO A 207 13.84 4.17 16.44
N LEU A 208 13.15 3.63 15.44
CA LEU A 208 11.77 4.01 15.16
C LEU A 208 10.97 2.80 14.71
N ARG A 209 10.00 2.39 15.51
CA ARG A 209 8.98 1.45 15.09
C ARG A 209 7.63 2.13 15.24
N VAL A 210 6.67 1.71 14.41
CA VAL A 210 5.38 2.37 14.36
C VAL A 210 4.61 2.09 15.65
N GLY A 211 3.88 3.11 16.11
CA GLY A 211 3.04 3.00 17.28
C GLY A 211 1.57 3.09 16.93
N PRO A 212 0.70 2.92 17.91
CA PRO A 212 -0.74 2.86 17.62
C PRO A 212 -1.31 4.22 17.25
N GLY A 213 -2.35 4.19 16.42
CA GLY A 213 -3.05 5.38 16.00
C GLY A 213 -4.39 5.03 15.37
N PRO A 214 -5.29 6.00 15.29
CA PRO A 214 -6.63 5.71 14.76
C PRO A 214 -6.56 5.13 13.35
N LEU A 215 -7.19 3.97 13.19
CA LEU A 215 -7.26 3.29 11.89
C LEU A 215 -5.88 2.98 11.35
N ASP A 216 -4.92 2.73 12.23
CA ASP A 216 -3.57 2.42 11.79
C ASP A 216 -3.55 1.15 10.96
N ALA A 217 -4.34 0.14 11.36
CA ALA A 217 -4.34 -1.12 10.62
C ALA A 217 -4.72 -0.87 9.16
N GLU A 218 -5.77 -0.07 8.95
CA GLU A 218 -6.30 0.15 7.61
C GLU A 218 -5.34 0.97 6.74
N GLY A 219 -4.59 1.89 7.35
CA GLY A 219 -3.84 2.85 6.58
C GLY A 219 -2.39 2.47 6.33
N TYR A 220 -1.76 1.82 7.31
CA TYR A 220 -0.31 1.66 7.27
C TYR A 220 0.21 0.63 8.27
N GLY A 221 -0.56 -0.41 8.56
CA GLY A 221 -0.25 -1.27 9.69
C GLY A 221 0.49 -2.56 9.41
N VAL A 222 0.53 -3.02 8.15
CA VAL A 222 1.06 -4.34 7.86
C VAL A 222 2.57 -4.36 8.10
N LYS A 223 3.05 -5.46 8.67
CA LYS A 223 4.47 -5.80 8.71
C LYS A 223 4.63 -7.14 8.02
N THR A 224 5.56 -7.21 7.07
CA THR A 224 5.78 -8.44 6.32
C THR A 224 7.24 -8.49 5.87
N SER A 225 7.61 -9.61 5.26
CA SER A 225 8.94 -9.82 4.72
C SER A 225 8.92 -9.68 3.20
N ALA A 226 10.11 -9.53 2.61
CA ALA A 226 10.21 -9.40 1.16
C ALA A 226 9.63 -10.63 0.47
N ALA A 227 9.94 -11.82 0.97
CA ALA A 227 9.44 -13.04 0.34
C ALA A 227 7.92 -13.14 0.46
N ASP A 228 7.38 -12.86 1.65
CA ASP A 228 5.93 -12.97 1.83
C ASP A 228 5.19 -11.89 1.05
N LEU A 229 5.77 -10.68 0.97
CA LEU A 229 5.16 -9.63 0.17
C LEU A 229 5.25 -9.93 -1.32
N LEU A 230 6.27 -10.69 -1.74
CA LEU A 230 6.34 -11.10 -3.14
C LEU A 230 5.28 -12.14 -3.46
N ARG A 231 4.96 -13.01 -2.51
CA ARG A 231 3.81 -13.90 -2.68
C ARG A 231 2.56 -13.08 -2.98
N PHE A 232 2.38 -11.97 -2.26
CA PHE A 232 1.24 -11.10 -2.52
C PHE A 232 1.32 -10.47 -3.90
N VAL A 233 2.52 -10.04 -4.32
CA VAL A 233 2.65 -9.48 -5.66
C VAL A 233 2.31 -10.53 -6.71
N ASP A 234 2.88 -11.72 -6.58
CA ASP A 234 2.56 -12.79 -7.52
C ASP A 234 1.06 -13.04 -7.56
N ALA A 235 0.41 -13.00 -6.39
CA ALA A 235 -1.05 -13.17 -6.35
C ALA A 235 -1.75 -12.10 -7.16
N ASN A 236 -1.18 -10.90 -7.22
CA ASN A 236 -1.76 -9.85 -8.06
C ASN A 236 -1.46 -10.09 -9.54
N LEU A 237 -0.31 -10.70 -9.85
CA LEU A 237 0.00 -11.01 -11.24
C LEU A 237 -0.82 -12.19 -11.74
N HIS A 238 -1.24 -13.08 -10.85
CA HIS A 238 -1.97 -14.28 -11.22
C HIS A 238 -3.10 -14.52 -10.22
N PRO A 239 -4.15 -13.70 -10.27
CA PRO A 239 -5.28 -13.92 -9.35
C PRO A 239 -5.89 -15.31 -9.45
N GLU A 240 -5.79 -15.95 -10.61
CA GLU A 240 -6.39 -17.27 -10.79
C GLU A 240 -5.75 -18.32 -9.91
N ARG A 241 -4.54 -18.07 -9.41
CA ARG A 241 -3.87 -19.03 -8.54
C ARG A 241 -4.53 -19.18 -7.19
N LEU A 242 -5.54 -18.36 -6.88
CA LEU A 242 -6.27 -18.42 -5.63
C LEU A 242 -7.69 -18.92 -5.87
N ASP A 243 -8.36 -19.26 -4.77
CA ASP A 243 -9.76 -19.66 -4.86
C ASP A 243 -10.60 -18.52 -5.45
N ARG A 244 -11.69 -18.89 -6.10
CA ARG A 244 -12.48 -17.94 -6.88
C ARG A 244 -12.85 -16.68 -6.10
N PRO A 245 -13.31 -16.77 -4.85
CA PRO A 245 -13.67 -15.53 -4.14
C PRO A 245 -12.52 -14.55 -4.03
N TRP A 246 -11.31 -15.03 -3.75
CA TRP A 246 -10.17 -14.16 -3.55
C TRP A 246 -9.45 -13.81 -4.86
N ALA A 247 -9.69 -14.57 -5.91
CA ALA A 247 -9.25 -14.13 -7.24
C ALA A 247 -10.05 -12.91 -7.68
N GLN A 248 -11.36 -12.91 -7.44
CA GLN A 248 -12.19 -11.78 -7.82
C GLN A 248 -11.93 -10.56 -6.92
N ALA A 249 -11.51 -10.79 -5.68
CA ALA A 249 -11.21 -9.68 -4.77
C ALA A 249 -9.95 -8.94 -5.21
N LEU A 250 -8.97 -9.66 -5.76
CA LEU A 250 -7.75 -9.02 -6.25
C LEU A 250 -7.98 -8.32 -7.59
N ASP A 251 -8.76 -8.94 -8.47
CA ASP A 251 -9.11 -8.30 -9.74
C ASP A 251 -9.89 -7.01 -9.51
N ALA A 252 -10.64 -6.93 -8.40
CA ALA A 252 -11.39 -5.72 -8.11
C ALA A 252 -10.48 -4.52 -7.92
N THR A 253 -9.29 -4.74 -7.36
CA THR A 253 -8.34 -3.66 -7.12
C THR A 253 -7.57 -3.27 -8.38
N HIS A 254 -7.66 -4.06 -9.45
CA HIS A 254 -7.01 -3.75 -10.72
C HIS A 254 -7.95 -2.99 -11.64
N ARG A 255 -8.60 -1.95 -11.11
CA ARG A 255 -9.56 -1.14 -11.86
C ARG A 255 -9.22 0.32 -11.63
N GLY A 256 -8.91 1.03 -12.72
CA GLY A 256 -8.63 2.45 -12.66
C GLY A 256 -9.88 3.29 -12.81
N TYR A 257 -9.90 4.46 -12.15
CA TYR A 257 -11.11 5.26 -12.07
C TYR A 257 -10.89 6.69 -12.51
N TYR A 258 -9.69 7.23 -12.34
CA TYR A 258 -9.40 8.57 -12.83
C TYR A 258 -7.89 8.73 -12.94
N LYS A 259 -7.48 9.82 -13.60
CA LYS A 259 -6.08 10.11 -13.84
C LYS A 259 -5.71 11.44 -13.21
N VAL A 260 -4.43 11.53 -12.82
CA VAL A 260 -3.81 12.78 -12.37
C VAL A 260 -2.42 12.78 -12.99
N GLY A 261 -2.20 13.61 -14.00
CA GLY A 261 -0.96 13.54 -14.74
C GLY A 261 -0.87 12.20 -15.44
N ASP A 262 0.24 11.49 -15.22
CA ASP A 262 0.46 10.17 -15.78
C ASP A 262 -0.08 9.04 -14.91
N MET A 263 -0.58 9.35 -13.71
CA MET A 263 -0.99 8.34 -12.75
C MET A 263 -2.49 8.08 -12.86
N THR A 264 -2.87 6.82 -13.02
CA THR A 264 -4.26 6.39 -12.95
C THR A 264 -4.53 5.75 -11.59
N GLN A 265 -5.52 6.29 -10.87
CA GLN A 265 -5.80 5.86 -9.51
C GLN A 265 -6.75 4.67 -9.52
N GLY A 266 -6.30 3.54 -8.99
CA GLY A 266 -7.15 2.41 -8.69
C GLY A 266 -7.43 2.30 -7.21
N LEU A 267 -7.90 1.14 -6.79
CA LEU A 267 -8.13 0.88 -5.36
C LEU A 267 -6.82 0.48 -4.71
N GLY A 268 -6.22 1.41 -3.97
CA GLY A 268 -4.90 1.20 -3.39
C GLY A 268 -3.82 1.44 -4.43
N TRP A 269 -3.82 0.62 -5.48
CA TRP A 269 -2.78 0.68 -6.49
C TRP A 269 -2.87 1.98 -7.28
N GLU A 270 -1.69 2.49 -7.68
CA GLU A 270 -1.55 3.59 -8.61
C GLU A 270 -0.84 3.09 -9.86
N ALA A 271 -1.38 3.40 -11.04
CA ALA A 271 -0.93 2.80 -12.28
C ALA A 271 -0.33 3.84 -13.22
N TYR A 272 0.57 3.38 -14.08
CA TYR A 272 1.22 4.21 -15.08
C TYR A 272 1.32 3.41 -16.36
N ASP A 273 1.38 4.13 -17.49
CA ASP A 273 1.69 3.50 -18.76
C ASP A 273 3.13 3.03 -18.75
N TRP A 274 3.37 1.86 -19.34
CA TRP A 274 4.71 1.31 -19.44
C TRP A 274 5.03 1.03 -20.89
N PRO A 275 6.20 1.42 -21.40
CA PRO A 275 7.27 2.13 -20.69
C PRO A 275 6.97 3.60 -20.43
N ILE A 276 7.67 4.19 -19.46
CA ILE A 276 7.59 5.62 -19.19
C ILE A 276 8.89 6.05 -18.52
N SER A 277 9.25 7.32 -18.72
CA SER A 277 10.53 7.81 -18.23
C SER A 277 10.59 7.70 -16.71
N LEU A 278 11.82 7.70 -16.18
CA LEU A 278 12.04 7.64 -14.74
C LEU A 278 11.56 8.92 -14.07
N LYS A 279 11.87 10.08 -14.67
CA LYS A 279 11.45 11.35 -14.08
C LYS A 279 9.94 11.41 -13.91
N ARG A 280 9.19 10.92 -14.90
CA ARG A 280 7.73 10.96 -14.79
C ARG A 280 7.25 10.00 -13.72
N LEU A 281 7.82 8.80 -13.64
CA LEU A 281 7.45 7.87 -12.59
C LEU A 281 7.85 8.40 -11.23
N GLN A 282 9.01 9.07 -11.13
CA GLN A 282 9.38 9.72 -9.88
C GLN A 282 8.41 10.84 -9.55
N ALA A 283 8.03 11.65 -10.54
CA ALA A 283 7.11 12.75 -10.29
C ALA A 283 5.76 12.25 -9.77
N GLY A 284 5.31 11.09 -10.25
CA GLY A 284 4.05 10.53 -9.78
C GLY A 284 4.08 10.04 -8.35
N ASN A 285 5.27 9.77 -7.80
CA ASN A 285 5.42 9.29 -6.43
C ASN A 285 6.09 10.31 -5.52
N SER A 286 6.17 11.56 -5.95
CA SER A 286 6.88 12.59 -5.21
C SER A 286 6.01 13.15 -4.08
N THR A 287 6.66 13.91 -3.20
CA THR A 287 5.98 14.48 -2.04
C THR A 287 4.74 15.30 -2.39
N PRO A 288 4.74 16.16 -3.43
CA PRO A 288 3.52 16.93 -3.72
C PRO A 288 2.29 16.05 -3.92
N MET A 289 2.45 14.86 -4.52
CA MET A 289 1.34 13.94 -4.73
C MET A 289 0.78 13.42 -3.41
N ALA A 290 1.56 13.49 -2.33
CA ALA A 290 1.10 13.03 -1.02
C ALA A 290 0.57 14.16 -0.15
N LEU A 291 1.04 15.40 -0.34
CA LEU A 291 0.70 16.49 0.57
C LEU A 291 -0.15 17.59 -0.04
N GLN A 292 -0.29 17.65 -1.36
CA GLN A 292 -1.01 18.73 -1.99
C GLN A 292 -2.19 18.18 -2.80
N PRO A 293 -3.29 18.94 -2.90
CA PRO A 293 -4.44 18.47 -3.68
C PRO A 293 -4.22 18.60 -5.18
N HIS A 294 -5.00 17.82 -5.92
CA HIS A 294 -4.91 17.81 -7.38
C HIS A 294 -6.29 17.57 -7.96
N ARG A 295 -6.62 18.32 -9.01
CA ARG A 295 -7.84 18.07 -9.75
C ARG A 295 -7.71 16.77 -10.54
N ILE A 296 -8.81 16.05 -10.69
CA ILE A 296 -8.80 14.75 -11.33
C ILE A 296 -9.47 14.85 -12.70
N ALA A 297 -9.16 13.88 -13.55
CA ALA A 297 -9.84 13.69 -14.83
C ALA A 297 -10.46 12.29 -14.79
N ARG A 298 -11.76 12.24 -14.50
CA ARG A 298 -12.43 10.96 -14.37
C ARG A 298 -12.53 10.26 -15.71
N LEU A 299 -12.28 8.96 -15.70
CA LEU A 299 -12.40 8.17 -16.92
C LEU A 299 -13.87 7.88 -17.17
N PRO A 300 -14.28 7.80 -18.44
CA PRO A 300 -15.70 7.56 -18.74
C PRO A 300 -16.23 6.28 -18.11
N ALA A 301 -15.38 5.33 -17.79
CA ALA A 301 -15.80 4.09 -17.16
C ALA A 301 -14.60 3.47 -16.47
N PRO A 302 -14.82 2.53 -15.54
CA PRO A 302 -13.68 1.83 -14.93
C PRO A 302 -12.78 1.22 -15.99
N GLN A 303 -11.49 1.51 -15.89
CA GLN A 303 -10.50 1.05 -16.85
C GLN A 303 -9.68 -0.06 -16.21
N ALA A 304 -9.64 -1.22 -16.87
CA ALA A 304 -8.83 -2.33 -16.37
C ALA A 304 -7.36 -1.97 -16.43
N LEU A 305 -6.64 -2.26 -15.34
CA LEU A 305 -5.22 -1.96 -15.26
C LEU A 305 -4.42 -3.22 -15.58
N GLU A 306 -4.50 -3.62 -16.85
CA GLU A 306 -3.85 -4.83 -17.34
C GLU A 306 -3.10 -4.53 -18.62
N GLY A 307 -2.06 -5.33 -18.87
CA GLY A 307 -1.26 -5.17 -20.07
C GLY A 307 0.00 -4.36 -19.84
N GLN A 308 0.31 -3.47 -20.80
CA GLN A 308 1.52 -2.67 -20.74
CA GLN A 308 1.53 -2.66 -20.75
C GLN A 308 1.32 -1.51 -19.77
N ARG A 309 1.26 -1.86 -18.48
CA ARG A 309 1.07 -0.90 -17.42
C ARG A 309 1.99 -1.26 -16.26
N LEU A 310 2.19 -0.28 -15.37
CA LEU A 310 3.01 -0.45 -14.19
C LEU A 310 2.18 -0.02 -12.98
N LEU A 311 1.67 -0.99 -12.23
CA LEU A 311 1.00 -0.73 -10.96
C LEU A 311 2.05 -0.70 -9.86
N ASN A 312 1.89 0.23 -8.92
CA ASN A 312 2.88 0.41 -7.86
C ASN A 312 2.21 1.03 -6.65
N LYS A 313 2.97 1.09 -5.56
CA LYS A 313 2.53 1.79 -4.37
C LYS A 313 3.73 1.99 -3.45
N THR A 314 3.90 3.21 -2.96
CA THR A 314 4.94 3.53 -2.01
C THR A 314 4.42 3.32 -0.59
N GLY A 315 5.37 3.29 0.36
CA GLY A 315 5.06 3.10 1.77
C GLY A 315 6.13 3.66 2.68
N SER A 316 5.75 4.54 3.60
CA SER A 316 6.71 5.23 4.47
C SER A 316 6.16 5.30 5.89
N THR A 317 6.96 4.86 6.85
CA THR A 317 6.75 5.18 8.26
C THR A 317 7.92 6.05 8.73
N ASN A 318 7.97 6.30 10.03
CA ASN A 318 9.05 7.13 10.55
C ASN A 318 10.41 6.45 10.45
N GLY A 319 10.46 5.13 10.27
CA GLY A 319 11.72 4.44 10.24
C GLY A 319 11.89 3.44 9.11
N PHE A 320 10.88 3.32 8.23
CA PHE A 320 10.89 2.34 7.15
C PHE A 320 10.49 3.00 5.84
N GLY A 321 10.90 2.37 4.73
CA GLY A 321 10.58 2.85 3.40
C GLY A 321 10.46 1.72 2.40
N ALA A 322 9.25 1.47 1.92
CA ALA A 322 8.96 0.35 1.03
C ALA A 322 8.44 0.84 -0.32
N TYR A 323 8.62 0.01 -1.33
CA TYR A 323 8.09 0.26 -2.66
C TYR A 323 7.75 -1.06 -3.33
N VAL A 324 6.55 -1.15 -3.88
CA VAL A 324 6.07 -2.34 -4.57
C VAL A 324 5.62 -1.95 -5.97
N ALA A 325 5.98 -2.77 -6.95
CA ALA A 325 5.54 -2.53 -8.32
C ALA A 325 5.54 -3.86 -9.06
N PHE A 326 4.65 -3.96 -10.04
CA PHE A 326 4.60 -5.12 -10.92
C PHE A 326 4.05 -4.68 -12.27
N VAL A 327 4.33 -5.49 -13.29
CA VAL A 327 3.94 -5.18 -14.66
C VAL A 327 3.14 -6.37 -15.20
N PRO A 328 1.83 -6.24 -15.38
CA PRO A 328 1.04 -7.39 -15.87
C PRO A 328 1.55 -7.95 -17.19
N GLY A 329 1.73 -7.11 -18.20
CA GLY A 329 2.13 -7.59 -19.52
C GLY A 329 3.49 -8.27 -19.55
N ARG A 330 4.34 -8.01 -18.55
CA ARG A 330 5.68 -8.60 -18.51
C ARG A 330 5.79 -9.75 -17.51
N ASP A 331 4.77 -9.99 -16.69
CA ASP A 331 4.81 -11.05 -15.67
C ASP A 331 6.01 -10.85 -14.75
N LEU A 332 6.29 -9.60 -14.40
CA LEU A 332 7.41 -9.25 -13.56
C LEU A 332 6.92 -8.51 -12.32
N GLY A 333 7.45 -8.88 -11.17
CA GLY A 333 7.10 -8.26 -9.91
C GLY A 333 8.34 -7.87 -9.13
N LEU A 334 8.20 -6.82 -8.32
CA LEU A 334 9.33 -6.27 -7.60
C LEU A 334 8.91 -5.79 -6.22
N VAL A 335 9.79 -6.02 -5.25
CA VAL A 335 9.59 -5.62 -3.86
C VAL A 335 10.90 -5.05 -3.34
N ILE A 336 10.85 -3.85 -2.79
CA ILE A 336 12.02 -3.19 -2.21
C ILE A 336 11.63 -2.72 -0.81
N LEU A 337 12.19 -3.37 0.21
CA LEU A 337 11.89 -3.07 1.61
C LEU A 337 13.16 -2.61 2.30
N ALA A 338 13.08 -1.50 3.03
CA ALA A 338 14.25 -0.93 3.68
C ALA A 338 13.85 -0.44 5.06
N ASN A 339 14.83 -0.42 5.97
CA ASN A 339 14.59 0.06 7.34
C ASN A 339 15.10 1.48 7.52
N ARG A 340 14.94 2.32 6.50
CA ARG A 340 15.05 3.76 6.64
C ARG A 340 14.04 4.41 5.73
N ASN A 341 13.44 5.51 6.18
CA ASN A 341 12.50 6.26 5.35
C ASN A 341 13.31 7.16 4.43
N TYR A 342 13.68 6.64 3.28
CA TYR A 342 14.46 7.39 2.31
C TYR A 342 13.57 7.83 1.15
N PRO A 343 14.01 8.81 0.35
CA PRO A 343 13.08 9.44 -0.61
C PRO A 343 12.48 8.44 -1.59
N ASN A 344 11.20 8.64 -1.89
CA ASN A 344 10.53 7.79 -2.87
C ASN A 344 11.25 7.83 -4.21
N ALA A 345 11.77 9.00 -4.59
CA ALA A 345 12.50 9.12 -5.85
C ALA A 345 13.66 8.14 -5.92
N GLU A 346 14.29 7.86 -4.77
CA GLU A 346 15.38 6.88 -4.72
C GLU A 346 14.84 5.46 -4.79
N ARG A 347 13.69 5.20 -4.17
CA ARG A 347 13.06 3.88 -4.29
C ARG A 347 12.75 3.56 -5.75
N VAL A 348 12.13 4.52 -6.45
CA VAL A 348 11.81 4.35 -7.85
C VAL A 348 13.08 4.20 -8.68
N LYS A 349 14.15 4.90 -8.30
CA LYS A 349 15.40 4.80 -9.03
C LYS A 349 15.93 3.37 -9.03
N ILE A 350 15.93 2.73 -7.85
CA ILE A 350 16.34 1.32 -7.76
C ILE A 350 15.45 0.45 -8.63
N ALA A 351 14.14 0.58 -8.49
CA ALA A 351 13.20 -0.25 -9.25
C ALA A 351 13.37 -0.03 -10.75
N TYR A 352 13.53 1.23 -11.17
CA TYR A 352 13.68 1.53 -12.59
C TYR A 352 14.95 0.93 -13.16
N ALA A 353 16.07 1.07 -12.44
CA ALA A 353 17.33 0.47 -12.89
C ALA A 353 17.20 -1.03 -13.10
N ILE A 354 16.54 -1.72 -12.17
CA ILE A 354 16.35 -3.16 -12.30
C ILE A 354 15.48 -3.48 -13.51
N LEU A 355 14.32 -2.80 -13.61
CA LEU A 355 13.39 -3.07 -14.70
C LEU A 355 14.02 -2.81 -16.06
N SER A 356 14.94 -1.85 -16.16
CA SER A 356 15.60 -1.57 -17.43
C SER A 356 16.16 -2.85 -18.03
N GLY A 357 15.78 -3.12 -19.27
CA GLY A 357 16.17 -4.35 -19.94
C GLY A 357 15.09 -5.41 -19.84
N LEU A 358 15.29 -6.36 -18.94
CA LEU A 358 14.29 -7.39 -18.70
C LEU A 358 14.35 -7.82 -17.24
#